data_4UCO
#
_entry.id   4UCO
#
_cell.length_a   137.008
_cell.length_b   137.008
_cell.length_c   55.974
_cell.angle_alpha   90.00
_cell.angle_beta   90.00
_cell.angle_gamma   90.00
#
_symmetry.space_group_name_H-M   'P 43 21 2'
#
loop_
_entity.id
_entity.type
_entity.pdbx_description
1 polymer 'DNA LIGASE'
2 non-polymer 7-amino-2-tert-butyl-4-(1H-pyrrol-2-yl)pyrido[2,3-d]pyrimidine-6-carboxamide
3 non-polymer 1-(2,4-dimethylbenzyl)-6-oxo-1,6-dihydropyridine-3-carboxamide
4 water water
#
_entity_poly.entity_id   1
_entity_poly.type   'polypeptide(L)'
_entity_poly.pdbx_seq_one_letter_code
;MTNIQTQLDNLRKTLRQYEYEYHVLDNPSVPDSEYDRLFHQLKALELEHPEFLTSDSPTQRVGAKPLSGFSQIRHEIPML
SLDNAFSDAEFNAFVKRIEDRLILLPKPLTFCCEPKLDGLAVSILYVNGELTQAATRGDGTTGEDITANIRTIRNVPLQL
LTDNPPARLEVRGEVFMPHAGFERLNKYALEHNEKTFANPRNAAAGSLRQLDPNITSKRPLVLNAYGIGIAEGVDLPTTH
YARLQWLKSIGIPVNPEIRLCNGADEVLGFYRDIQNKRSSLGYDIDGTVLKINDIALQNELGFISKAPRWAIAYKFPAQE
ELTL
;
_entity_poly.pdbx_strand_id   A
#
loop_
_chem_comp.id
_chem_comp.type
_chem_comp.name
_chem_comp.formula
D41 non-polymer 7-amino-2-tert-butyl-4-(1H-pyrrol-2-yl)pyrido[2,3-d]pyrimidine-6-carboxamide 'C16 H18 N6 O'
IWH non-polymer 1-(2,4-dimethylbenzyl)-6-oxo-1,6-dihydropyridine-3-carboxamide 'C15 H16 N2 O2'
#
# COMPACT_ATOMS: atom_id res chain seq x y z
N MET A 1 25.68 -13.67 24.79
CA MET A 1 25.08 -14.56 23.81
C MET A 1 24.44 -15.74 24.50
N THR A 2 23.25 -16.11 24.04
CA THR A 2 22.52 -17.28 24.53
C THR A 2 22.08 -18.07 23.31
N ASN A 3 21.86 -19.36 23.51
CA ASN A 3 21.44 -20.26 22.44
C ASN A 3 20.06 -19.92 21.93
N ILE A 4 19.13 -19.57 22.83
CA ILE A 4 17.77 -19.27 22.47
C ILE A 4 17.70 -17.97 21.70
N GLN A 5 18.33 -16.88 22.19
CA GLN A 5 18.29 -15.60 21.46
C GLN A 5 18.92 -15.73 20.06
N THR A 6 19.91 -16.64 19.88
CA THR A 6 20.54 -16.92 18.57
C THR A 6 19.52 -17.61 17.63
N GLN A 7 18.71 -18.55 18.15
CA GLN A 7 17.69 -19.27 17.37
C GLN A 7 16.52 -18.38 16.95
N LEU A 8 16.07 -17.47 17.82
CA LEU A 8 14.95 -16.59 17.51
C LEU A 8 15.34 -15.58 16.44
N ASP A 9 16.50 -14.94 16.59
CA ASP A 9 17.04 -13.96 15.64
C ASP A 9 17.20 -14.57 14.23
N ASN A 10 17.70 -15.82 14.15
CA ASN A 10 17.92 -16.52 12.88
C ASN A 10 16.61 -16.96 12.21
N LEU A 11 15.60 -17.37 13.03
CA LEU A 11 14.29 -17.77 12.54
C LEU A 11 13.55 -16.56 12.01
N ARG A 12 13.45 -15.50 12.82
CA ARG A 12 12.81 -14.23 12.43
C ARG A 12 13.37 -13.65 11.14
N LYS A 13 14.70 -13.71 10.96
CA LYS A 13 15.38 -13.23 9.77
C LYS A 13 14.95 -14.04 8.53
N THR A 14 15.01 -15.38 8.64
CA THR A 14 14.62 -16.31 7.57
C THR A 14 13.16 -16.11 7.16
N LEU A 15 12.24 -16.05 8.14
CA LEU A 15 10.81 -15.88 7.88
C LEU A 15 10.46 -14.51 7.25
N ARG A 16 10.99 -13.39 7.79
CA ARG A 16 10.76 -12.06 7.22
C ARG A 16 11.25 -11.98 5.74
N GLN A 17 12.30 -12.73 5.41
CA GLN A 17 12.88 -12.81 4.07
C GLN A 17 12.05 -13.73 3.17
N TYR A 18 11.40 -14.77 3.73
CA TYR A 18 10.55 -15.70 2.99
C TYR A 18 9.20 -15.03 2.68
N GLU A 19 8.70 -14.21 3.60
CA GLU A 19 7.49 -13.41 3.43
C GLU A 19 7.74 -12.42 2.31
N TYR A 20 8.88 -11.76 2.32
CA TYR A 20 9.30 -10.82 1.29
C TYR A 20 9.33 -11.50 -0.10
N GLU A 21 9.96 -12.69 -0.19
CA GLU A 21 10.04 -13.46 -1.42
C GLU A 21 8.67 -13.91 -1.96
N TYR A 22 7.73 -14.28 -1.09
CA TYR A 22 6.39 -14.75 -1.53
C TYR A 22 5.45 -13.60 -1.86
N HIS A 23 5.31 -12.66 -0.91
CA HIS A 23 4.42 -11.51 -1.02
C HIS A 23 4.90 -10.47 -2.01
N VAL A 24 6.10 -9.90 -1.80
CA VAL A 24 6.63 -8.80 -2.65
C VAL A 24 7.17 -9.29 -4.02
N LEU A 25 7.87 -10.42 -4.10
CA LEU A 25 8.43 -10.87 -5.37
C LEU A 25 7.63 -11.91 -6.15
N ASP A 26 6.67 -12.63 -5.52
CA ASP A 26 5.94 -13.73 -6.17
C ASP A 26 6.96 -14.76 -6.71
N ASN A 27 8.02 -14.97 -5.94
CA ASN A 27 9.07 -15.92 -6.31
C ASN A 27 9.68 -16.51 -5.02
N PRO A 28 8.90 -17.33 -4.28
CA PRO A 28 9.43 -17.95 -3.06
C PRO A 28 10.51 -18.94 -3.37
N SER A 29 11.46 -19.10 -2.45
CA SER A 29 12.54 -20.07 -2.60
C SER A 29 12.18 -21.40 -1.91
N VAL A 30 11.16 -21.40 -1.00
CA VAL A 30 10.74 -22.60 -0.28
C VAL A 30 9.23 -22.86 -0.36
N PRO A 31 8.78 -24.15 -0.22
CA PRO A 31 7.34 -24.41 -0.22
C PRO A 31 6.63 -23.79 0.97
N ASP A 32 5.32 -23.64 0.88
CA ASP A 32 4.55 -23.02 1.95
C ASP A 32 4.67 -23.81 3.28
N SER A 33 4.95 -25.13 3.22
CA SER A 33 5.10 -26.00 4.40
C SER A 33 6.41 -25.74 5.10
N GLU A 34 7.48 -25.44 4.35
CA GLU A 34 8.77 -25.08 4.95
C GLU A 34 8.60 -23.77 5.70
N TYR A 35 7.87 -22.80 5.12
CA TYR A 35 7.63 -21.51 5.78
C TYR A 35 6.88 -21.72 7.11
N ASP A 36 5.78 -22.47 7.09
CA ASP A 36 5.02 -22.77 8.31
C ASP A 36 5.85 -23.55 9.33
N ARG A 37 6.71 -24.51 8.89
CA ARG A 37 7.59 -25.30 9.75
C ARG A 37 8.43 -24.38 10.63
N LEU A 38 9.09 -23.41 10.01
CA LEU A 38 9.89 -22.47 10.77
C LEU A 38 9.04 -21.52 11.57
N PHE A 39 7.84 -21.18 11.06
CA PHE A 39 6.94 -20.24 11.73
C PHE A 39 6.43 -20.75 13.06
N HIS A 40 5.85 -21.94 13.12
N HIS A 40 5.88 -21.98 13.11
CA HIS A 40 5.34 -22.47 14.38
CA HIS A 40 5.37 -22.58 14.34
C HIS A 40 6.50 -23.05 15.26
C HIS A 40 6.51 -23.04 15.25
N GLN A 41 7.72 -23.26 14.69
CA GLN A 41 8.90 -23.65 15.47
C GLN A 41 9.37 -22.39 16.28
N LEU A 42 9.27 -21.20 15.67
CA LEU A 42 9.57 -19.89 16.28
C LEU A 42 8.54 -19.52 17.35
N LYS A 43 7.24 -19.63 17.02
CA LYS A 43 6.11 -19.33 17.91
C LYS A 43 6.17 -20.17 19.19
N ALA A 44 6.44 -21.48 19.07
CA ALA A 44 6.60 -22.41 20.22
C ALA A 44 7.76 -22.00 21.09
N LEU A 45 8.87 -21.66 20.45
CA LEU A 45 10.09 -21.25 21.15
C LEU A 45 9.92 -19.90 21.83
N GLU A 46 9.14 -18.98 21.25
CA GLU A 46 8.87 -17.67 21.85
C GLU A 46 7.97 -17.79 23.08
N LEU A 47 7.10 -18.81 23.16
CA LEU A 47 6.18 -18.99 24.29
C LEU A 47 6.89 -19.73 25.43
N GLU A 48 7.82 -20.65 25.06
CA GLU A 48 8.67 -21.36 26.04
C GLU A 48 9.61 -20.36 26.72
N HIS A 49 10.05 -19.30 25.99
CA HIS A 49 10.92 -18.24 26.52
C HIS A 49 10.28 -16.86 26.23
N PRO A 50 9.26 -16.45 27.01
CA PRO A 50 8.61 -15.15 26.76
C PRO A 50 9.48 -13.90 26.89
N GLU A 51 10.61 -14.00 27.64
CA GLU A 51 11.53 -12.88 27.87
C GLU A 51 12.13 -12.31 26.57
N PHE A 52 12.34 -13.16 25.54
CA PHE A 52 12.93 -12.79 24.26
C PHE A 52 11.88 -12.53 23.16
N LEU A 53 10.59 -12.49 23.51
CA LEU A 53 9.50 -12.22 22.57
C LEU A 53 9.55 -10.73 22.17
N THR A 54 9.61 -10.42 20.86
CA THR A 54 9.67 -9.03 20.37
C THR A 54 8.31 -8.61 19.86
N SER A 55 8.07 -7.31 19.85
CA SER A 55 6.82 -6.72 19.41
C SER A 55 6.57 -6.93 17.89
N ASP A 56 7.64 -6.78 17.06
CA ASP A 56 7.60 -6.89 15.59
C ASP A 56 7.97 -8.29 15.03
N SER A 57 7.80 -9.37 15.81
CA SER A 57 8.08 -10.71 15.32
C SER A 57 6.96 -11.14 14.36
N PRO A 58 7.25 -11.91 13.27
CA PRO A 58 6.16 -12.34 12.36
C PRO A 58 5.01 -13.16 12.99
N THR A 59 5.22 -13.73 14.21
CA THR A 59 4.19 -14.48 14.97
C THR A 59 3.18 -13.55 15.68
N GLN A 60 3.56 -12.26 15.92
CA GLN A 60 2.78 -11.27 16.64
C GLN A 60 2.00 -10.30 15.73
N ARG A 61 1.34 -10.81 14.68
CA ARG A 61 0.56 -9.93 13.80
C ARG A 61 -0.82 -9.56 14.40
N VAL A 62 -1.46 -10.51 15.13
CA VAL A 62 -2.81 -10.37 15.69
C VAL A 62 -2.80 -10.07 17.19
N GLY A 63 -3.65 -9.15 17.61
CA GLY A 63 -3.87 -8.84 19.02
C GLY A 63 -4.93 -9.77 19.58
N ALA A 64 -4.67 -10.43 20.74
CA ALA A 64 -5.62 -11.39 21.37
C ALA A 64 -6.94 -10.77 21.86
N LYS A 65 -6.92 -9.47 22.24
CA LYS A 65 -8.08 -8.74 22.76
C LYS A 65 -8.67 -7.74 21.73
N PRO A 66 -10.00 -7.76 21.50
CA PRO A 66 -10.61 -6.74 20.62
C PRO A 66 -10.57 -5.34 21.26
N LEU A 67 -10.34 -4.30 20.47
CA LEU A 67 -10.24 -2.92 20.97
C LEU A 67 -11.58 -2.27 21.37
N SER A 68 -11.50 -1.29 22.31
CA SER A 68 -12.65 -0.52 22.85
C SER A 68 -13.39 0.31 21.78
N GLY A 69 -12.63 1.01 20.93
CA GLY A 69 -13.16 1.81 19.81
C GLY A 69 -12.06 2.13 18.81
N PHE A 70 -12.17 3.26 18.08
CA PHE A 70 -11.14 3.73 17.13
C PHE A 70 -10.76 5.17 17.45
N SER A 71 -9.46 5.38 17.75
CA SER A 71 -8.91 6.72 18.04
C SER A 71 -8.97 7.63 16.81
N GLN A 72 -8.57 8.89 16.99
CA GLN A 72 -8.55 9.89 15.92
C GLN A 72 -7.13 10.33 15.69
N ILE A 73 -6.61 10.08 14.48
CA ILE A 73 -5.26 10.49 14.05
C ILE A 73 -5.44 11.57 12.98
N ARG A 74 -4.67 12.67 13.06
CA ARG A 74 -4.67 13.72 12.03
C ARG A 74 -3.35 13.60 11.30
N HIS A 75 -3.41 13.62 9.96
CA HIS A 75 -2.25 13.37 9.12
C HIS A 75 -1.27 14.52 9.19
N GLU A 76 0.00 14.20 9.47
CA GLU A 76 1.06 15.21 9.56
C GLU A 76 1.11 15.94 8.23
N ILE A 77 1.39 15.22 7.15
CA ILE A 77 1.32 15.76 5.79
C ILE A 77 -0.11 15.37 5.38
N PRO A 78 -0.97 16.25 4.84
CA PRO A 78 -2.32 15.77 4.47
C PRO A 78 -2.28 14.79 3.28
N MET A 79 -3.22 13.86 3.27
CA MET A 79 -3.32 12.83 2.25
C MET A 79 -4.15 13.39 1.05
N LEU A 80 -3.50 13.63 -0.11
CA LEU A 80 -4.18 14.22 -1.26
C LEU A 80 -5.09 13.23 -1.99
N SER A 81 -6.17 13.77 -2.60
CA SER A 81 -7.14 13.03 -3.40
C SER A 81 -6.67 13.09 -4.88
N LEU A 82 -7.56 12.78 -5.84
CA LEU A 82 -7.21 12.74 -7.27
C LEU A 82 -8.29 13.39 -8.15
N ASP A 83 -7.84 14.05 -9.22
CA ASP A 83 -8.75 14.60 -10.22
C ASP A 83 -8.93 13.46 -11.22
N ASN A 84 -10.04 13.45 -12.00
CA ASN A 84 -10.35 12.35 -12.91
C ASN A 84 -10.80 12.74 -14.30
N ALA A 85 -10.44 11.90 -15.28
CA ALA A 85 -10.81 12.05 -16.66
C ALA A 85 -11.73 10.91 -17.08
N PHE A 86 -12.39 11.05 -18.23
CA PHE A 86 -13.32 10.05 -18.75
C PHE A 86 -13.22 9.80 -20.25
N SER A 87 -12.35 10.51 -20.97
CA SER A 87 -12.19 10.33 -22.40
C SER A 87 -10.77 10.64 -22.81
N ASP A 88 -10.37 10.14 -23.99
CA ASP A 88 -9.04 10.36 -24.54
C ASP A 88 -8.80 11.87 -24.70
N ALA A 89 -9.85 12.60 -25.15
CA ALA A 89 -9.87 14.06 -25.36
C ALA A 89 -9.69 14.83 -24.04
N GLU A 90 -10.36 14.37 -22.97
CA GLU A 90 -10.25 14.97 -21.64
C GLU A 90 -8.85 14.76 -21.03
N PHE A 91 -8.23 13.58 -21.28
CA PHE A 91 -6.88 13.29 -20.77
C PHE A 91 -5.89 14.18 -21.53
N ASN A 92 -6.00 14.24 -22.87
CA ASN A 92 -5.15 15.08 -23.72
C ASN A 92 -5.27 16.57 -23.38
N ALA A 93 -6.43 17.02 -22.85
CA ALA A 93 -6.64 18.41 -22.43
C ALA A 93 -5.81 18.71 -21.16
N PHE A 94 -5.89 17.82 -20.15
CA PHE A 94 -5.10 17.88 -18.91
C PHE A 94 -3.58 17.93 -19.23
N VAL A 95 -3.15 17.16 -20.25
CA VAL A 95 -1.75 17.11 -20.70
C VAL A 95 -1.34 18.44 -21.38
N LYS A 96 -2.15 19.00 -22.30
CA LYS A 96 -1.82 20.28 -22.95
C LYS A 96 -1.80 21.38 -21.93
N ARG A 97 -2.74 21.37 -20.98
CA ARG A 97 -2.80 22.34 -19.88
C ARG A 97 -1.50 22.36 -19.05
N ILE A 98 -0.84 21.20 -18.92
CA ILE A 98 0.44 21.05 -18.22
C ILE A 98 1.61 21.48 -19.13
N GLU A 99 1.55 21.16 -20.43
CA GLU A 99 2.60 21.56 -21.39
C GLU A 99 2.69 23.09 -21.49
N ASP A 100 1.54 23.77 -21.51
CA ASP A 100 1.45 25.23 -21.58
C ASP A 100 1.74 25.94 -20.23
N ARG A 101 1.53 25.26 -19.08
CA ARG A 101 1.77 25.81 -17.75
C ARG A 101 3.22 25.68 -17.30
N LEU A 102 3.97 24.71 -17.83
CA LEU A 102 5.36 24.51 -17.41
C LEU A 102 6.27 25.66 -17.82
N ILE A 103 7.30 25.95 -16.99
CA ILE A 103 8.30 26.98 -17.26
C ILE A 103 9.16 26.43 -18.42
N LEU A 104 9.51 25.13 -18.34
CA LEU A 104 10.26 24.43 -19.39
C LEU A 104 9.72 23.00 -19.54
N LEU A 105 9.08 22.70 -20.68
CA LEU A 105 8.54 21.37 -20.99
C LEU A 105 9.66 20.54 -21.59
N PRO A 106 10.05 19.40 -20.98
CA PRO A 106 11.12 18.58 -21.58
C PRO A 106 10.61 17.71 -22.73
N LYS A 107 11.55 17.23 -23.54
CA LYS A 107 11.26 16.35 -24.66
C LYS A 107 12.02 15.02 -24.37
N PRO A 108 11.35 13.92 -23.90
CA PRO A 108 9.90 13.72 -23.68
C PRO A 108 9.41 13.91 -22.24
N LEU A 109 8.07 14.00 -22.09
CA LEU A 109 7.41 14.15 -20.79
C LEU A 109 7.06 12.76 -20.25
N THR A 110 7.85 12.26 -19.30
CA THR A 110 7.67 10.92 -18.74
C THR A 110 6.56 10.91 -17.73
N PHE A 111 5.73 9.85 -17.80
CA PHE A 111 4.61 9.60 -16.91
C PHE A 111 4.77 8.23 -16.28
N CYS A 112 4.42 8.09 -14.99
CA CYS A 112 4.41 6.82 -14.26
C CYS A 112 2.93 6.40 -14.23
N CYS A 113 2.58 5.38 -15.03
CA CYS A 113 1.20 4.92 -15.16
C CYS A 113 1.01 3.66 -14.35
N GLU A 114 -0.04 3.64 -13.55
CA GLU A 114 -0.37 2.54 -12.65
C GLU A 114 -1.85 2.21 -12.79
N PRO A 115 -2.33 1.05 -12.32
CA PRO A 115 -3.78 0.81 -12.33
C PRO A 115 -4.43 1.52 -11.13
N LYS A 116 -5.68 1.96 -11.27
CA LYS A 116 -6.43 2.62 -10.21
C LYS A 116 -7.19 1.51 -9.52
N LEU A 117 -6.55 0.94 -8.50
CA LEU A 117 -7.10 -0.13 -7.67
C LEU A 117 -8.36 0.35 -6.96
N ASP A 118 -9.39 -0.49 -6.92
CA ASP A 118 -10.65 -0.16 -6.27
C ASP A 118 -10.59 -0.65 -4.80
N GLY A 119 -9.76 0.03 -4.00
CA GLY A 119 -9.61 -0.26 -2.58
C GLY A 119 -9.75 0.98 -1.72
N LEU A 120 -9.24 0.86 -0.47
CA LEU A 120 -9.26 1.91 0.56
C LEU A 120 -7.84 2.49 0.75
N ALA A 121 -7.71 3.85 0.79
CA ALA A 121 -6.40 4.50 1.02
C ALA A 121 -6.02 4.50 2.52
N VAL A 122 -4.78 4.08 2.85
CA VAL A 122 -4.28 4.05 4.24
C VAL A 122 -2.84 4.59 4.36
N SER A 123 -2.45 4.97 5.58
CA SER A 123 -1.12 5.46 5.93
C SER A 123 -0.45 4.44 6.86
N ILE A 124 0.86 4.20 6.71
CA ILE A 124 1.59 3.27 7.59
C ILE A 124 2.92 3.91 7.98
N LEU A 125 3.13 4.17 9.27
CA LEU A 125 4.35 4.81 9.75
C LEU A 125 5.35 3.79 10.18
N TYR A 126 6.61 3.99 9.78
CA TYR A 126 7.75 3.16 10.09
C TYR A 126 8.84 3.97 10.81
N VAL A 127 8.80 3.97 12.17
CA VAL A 127 9.77 4.70 12.99
C VAL A 127 11.03 3.85 13.24
N ASN A 128 12.14 4.16 12.54
CA ASN A 128 13.44 3.45 12.60
C ASN A 128 13.26 1.96 12.26
N GLY A 129 12.54 1.76 11.15
CA GLY A 129 12.25 0.45 10.60
C GLY A 129 11.05 -0.29 11.16
N GLU A 130 10.45 0.16 12.27
CA GLU A 130 9.33 -0.56 12.92
C GLU A 130 7.99 0.09 12.66
N LEU A 131 6.94 -0.72 12.47
CA LEU A 131 5.58 -0.25 12.24
C LEU A 131 4.98 0.17 13.58
N THR A 132 4.92 1.49 13.82
CA THR A 132 4.40 2.07 15.06
C THR A 132 2.92 2.46 14.95
N GLN A 133 2.47 2.95 13.77
CA GLN A 133 1.05 3.27 13.57
C GLN A 133 0.56 3.28 12.12
N ALA A 134 -0.74 3.01 11.94
CA ALA A 134 -1.42 3.04 10.63
C ALA A 134 -2.76 3.73 10.77
N ALA A 135 -3.16 4.53 9.76
CA ALA A 135 -4.41 5.30 9.76
C ALA A 135 -5.15 5.27 8.41
N THR A 136 -6.50 5.42 8.45
CA THR A 136 -7.29 5.48 7.22
C THR A 136 -7.11 6.87 6.66
N ARG A 137 -7.45 7.08 5.40
CA ARG A 137 -7.31 8.40 4.82
C ARG A 137 -8.29 9.37 5.47
N GLY A 138 -9.50 8.88 5.78
CA GLY A 138 -10.56 9.67 6.37
C GLY A 138 -10.98 10.74 5.38
N ASP A 139 -10.84 12.02 5.78
CA ASP A 139 -11.19 13.17 4.93
C ASP A 139 -9.98 13.73 4.16
N GLY A 140 -8.80 13.17 4.41
CA GLY A 140 -7.54 13.62 3.80
C GLY A 140 -6.69 14.42 4.77
N THR A 141 -7.28 14.79 5.92
CA THR A 141 -6.63 15.53 7.01
C THR A 141 -6.72 14.77 8.33
N THR A 142 -7.85 14.08 8.60
CA THR A 142 -8.07 13.32 9.83
C THR A 142 -8.66 11.94 9.53
N GLY A 143 -8.04 10.88 10.06
CA GLY A 143 -8.48 9.49 9.91
C GLY A 143 -8.57 8.74 11.23
N GLU A 144 -8.68 7.39 11.17
CA GLU A 144 -8.83 6.50 12.34
C GLU A 144 -7.60 5.64 12.57
N ASP A 145 -7.28 5.30 13.83
CA ASP A 145 -6.15 4.41 14.14
C ASP A 145 -6.60 2.96 13.87
N ILE A 146 -6.08 2.36 12.77
CA ILE A 146 -6.38 0.99 12.33
C ILE A 146 -5.08 0.22 12.30
N THR A 147 -4.22 0.41 13.31
CA THR A 147 -2.90 -0.22 13.37
C THR A 147 -3.03 -1.71 13.56
N ALA A 148 -3.86 -2.13 14.52
CA ALA A 148 -4.08 -3.54 14.81
C ALA A 148 -4.57 -4.27 13.59
N ASN A 149 -5.46 -3.63 12.81
CA ASN A 149 -6.02 -4.19 11.60
C ASN A 149 -4.97 -4.27 10.49
N ILE A 150 -4.21 -3.19 10.29
CA ILE A 150 -3.11 -3.12 9.32
C ILE A 150 -1.95 -4.11 9.65
N ARG A 151 -1.73 -4.42 10.93
CA ARG A 151 -0.72 -5.39 11.32
C ARG A 151 -1.07 -6.81 10.88
N THR A 152 -2.37 -7.10 10.64
CA THR A 152 -2.84 -8.45 10.24
C THR A 152 -2.67 -8.74 8.76
N ILE A 153 -2.42 -7.71 7.92
CA ILE A 153 -2.26 -7.87 6.48
C ILE A 153 -0.93 -8.61 6.31
N ARG A 154 -1.00 -9.81 5.73
CA ARG A 154 0.18 -10.67 5.61
C ARG A 154 1.35 -10.09 4.83
N ASN A 155 1.09 -9.23 3.81
CA ASN A 155 2.12 -8.61 2.95
C ASN A 155 2.60 -7.23 3.40
N VAL A 156 2.10 -6.76 4.57
CA VAL A 156 2.53 -5.51 5.21
C VAL A 156 3.66 -5.92 6.17
N PRO A 157 4.92 -5.54 5.94
CA PRO A 157 5.99 -5.97 6.85
C PRO A 157 5.92 -5.26 8.19
N LEU A 158 6.08 -5.99 9.32
CA LEU A 158 6.09 -5.35 10.64
C LEU A 158 7.47 -4.68 10.88
N GLN A 159 8.49 -5.04 10.06
CA GLN A 159 9.81 -4.44 10.11
C GLN A 159 10.35 -4.25 8.67
N LEU A 160 10.96 -3.08 8.38
CA LEU A 160 11.53 -2.81 7.05
C LEU A 160 12.78 -3.66 6.83
N LEU A 161 12.95 -4.13 5.59
CA LEU A 161 14.02 -5.03 5.18
C LEU A 161 15.21 -4.26 4.66
N THR A 162 15.89 -3.60 5.61
CA THR A 162 17.07 -2.77 5.39
C THR A 162 17.78 -2.60 6.74
N ASP A 163 19.12 -2.60 6.75
CA ASP A 163 19.91 -2.40 7.98
C ASP A 163 20.08 -0.89 8.29
N ASN A 164 19.74 0.00 7.33
CA ASN A 164 19.80 1.45 7.48
C ASN A 164 18.41 2.06 7.12
N PRO A 165 17.37 1.78 7.94
CA PRO A 165 16.05 2.34 7.66
C PRO A 165 15.97 3.84 7.97
N PRO A 166 15.04 4.60 7.34
CA PRO A 166 14.92 6.02 7.70
C PRO A 166 14.41 6.20 9.13
N ALA A 167 14.58 7.42 9.67
CA ALA A 167 14.16 7.79 11.03
C ALA A 167 12.69 7.59 11.17
N ARG A 168 11.95 8.11 10.18
CA ARG A 168 10.50 7.94 10.07
C ARG A 168 10.15 7.89 8.60
N LEU A 169 9.30 6.92 8.20
CA LEU A 169 8.82 6.78 6.82
C LEU A 169 7.35 6.46 6.87
N GLU A 170 6.53 7.26 6.19
CA GLU A 170 5.10 7.03 6.12
C GLU A 170 4.83 6.46 4.75
N VAL A 171 4.55 5.17 4.68
CA VAL A 171 4.17 4.53 3.42
C VAL A 171 2.66 4.78 3.23
N ARG A 172 2.25 5.08 2.00
CA ARG A 172 0.86 5.33 1.66
C ARG A 172 0.45 4.39 0.56
N GLY A 173 -0.62 3.65 0.78
CA GLY A 173 -1.08 2.65 -0.17
C GLY A 173 -2.55 2.42 -0.19
N GLU A 174 -2.97 1.46 -1.04
CA GLU A 174 -4.38 1.05 -1.19
C GLU A 174 -4.50 -0.37 -0.67
N VAL A 175 -5.37 -0.55 0.33
CA VAL A 175 -5.70 -1.84 0.94
C VAL A 175 -6.94 -2.39 0.23
N PHE A 176 -6.88 -3.61 -0.29
CA PHE A 176 -7.96 -4.22 -1.04
C PHE A 176 -8.00 -5.72 -0.83
N MET A 177 -9.12 -6.35 -1.24
CA MET A 177 -9.30 -7.81 -1.18
C MET A 177 -9.32 -8.36 -2.61
N PRO A 178 -8.43 -9.32 -2.98
CA PRO A 178 -8.51 -9.90 -4.33
C PRO A 178 -9.78 -10.77 -4.55
N HIS A 179 -10.04 -11.13 -5.82
CA HIS A 179 -11.23 -11.88 -6.25
C HIS A 179 -11.42 -13.22 -5.56
N ALA A 180 -10.36 -14.02 -5.49
CA ALA A 180 -10.43 -15.36 -4.89
C ALA A 180 -10.87 -15.33 -3.43
N GLY A 181 -10.23 -14.48 -2.64
CA GLY A 181 -10.56 -14.28 -1.25
C GLY A 181 -11.96 -13.75 -1.02
N PHE A 182 -12.42 -12.89 -1.95
CA PHE A 182 -13.76 -12.31 -1.93
C PHE A 182 -14.81 -13.42 -2.17
N GLU A 183 -14.63 -14.24 -3.23
CA GLU A 183 -15.51 -15.37 -3.54
C GLU A 183 -15.64 -16.31 -2.32
N ARG A 184 -14.49 -16.63 -1.69
CA ARG A 184 -14.38 -17.48 -0.49
C ARG A 184 -15.15 -16.89 0.70
N LEU A 185 -14.99 -15.57 0.92
CA LEU A 185 -15.59 -14.86 2.05
C LEU A 185 -17.13 -14.85 2.00
N ASN A 186 -17.74 -14.75 0.81
CA ASN A 186 -19.20 -14.77 0.69
C ASN A 186 -19.75 -16.17 0.92
N LYS A 187 -19.15 -17.19 0.28
CA LYS A 187 -19.54 -18.61 0.43
C LYS A 187 -19.49 -19.07 1.89
N TYR A 188 -18.49 -18.60 2.67
CA TYR A 188 -18.37 -18.88 4.10
C TYR A 188 -19.46 -18.11 4.88
N ALA A 189 -19.77 -16.86 4.47
CA ALA A 189 -20.81 -16.04 5.10
C ALA A 189 -22.21 -16.55 4.74
N LEU A 190 -22.35 -17.30 3.64
CA LEU A 190 -23.62 -17.90 3.22
C LEU A 190 -23.85 -19.16 4.07
N GLU A 191 -22.84 -20.07 4.12
CA GLU A 191 -22.94 -21.33 4.90
C GLU A 191 -22.92 -21.12 6.43
N HIS A 192 -22.79 -19.87 6.93
CA HIS A 192 -22.84 -19.52 8.34
C HIS A 192 -23.73 -18.27 8.53
N ASN A 193 -24.79 -18.12 7.69
CA ASN A 193 -25.76 -17.01 7.70
C ASN A 193 -25.24 -15.71 8.35
N GLU A 194 -24.32 -15.04 7.64
CA GLU A 194 -23.67 -13.80 8.06
C GLU A 194 -23.63 -12.83 6.87
N LYS A 195 -23.15 -11.59 7.09
CA LYS A 195 -23.12 -10.54 6.06
C LYS A 195 -22.32 -10.89 4.80
N THR A 196 -22.95 -10.69 3.62
CA THR A 196 -22.32 -10.85 2.31
C THR A 196 -22.13 -9.44 1.77
N PHE A 197 -20.95 -9.20 1.15
CA PHE A 197 -20.56 -7.89 0.62
C PHE A 197 -20.86 -7.84 -0.86
N ALA A 198 -21.34 -6.69 -1.33
CA ALA A 198 -21.70 -6.53 -2.74
C ALA A 198 -20.52 -6.62 -3.69
N ASN A 199 -19.32 -6.20 -3.27
CA ASN A 199 -18.14 -6.20 -4.14
C ASN A 199 -16.83 -6.21 -3.31
N PRO A 200 -15.65 -6.45 -3.91
CA PRO A 200 -14.43 -6.51 -3.08
C PRO A 200 -14.03 -5.19 -2.37
N ARG A 201 -14.50 -4.01 -2.85
CA ARG A 201 -14.19 -2.74 -2.18
C ARG A 201 -14.97 -2.60 -0.85
N ASN A 202 -16.23 -3.06 -0.80
CA ASN A 202 -17.06 -3.02 0.42
C ASN A 202 -16.57 -4.06 1.45
N ALA A 203 -16.12 -5.23 0.95
CA ALA A 203 -15.58 -6.33 1.74
C ALA A 203 -14.30 -5.92 2.45
N ALA A 204 -13.41 -5.19 1.74
CA ALA A 204 -12.15 -4.69 2.31
C ALA A 204 -12.42 -3.54 3.29
N ALA A 205 -13.36 -2.64 2.95
CA ALA A 205 -13.73 -1.47 3.75
C ALA A 205 -14.30 -1.89 5.10
N GLY A 206 -15.13 -2.92 5.08
CA GLY A 206 -15.76 -3.46 6.27
C GLY A 206 -14.78 -4.21 7.14
N SER A 207 -13.89 -5.02 6.52
CA SER A 207 -12.82 -5.79 7.21
C SER A 207 -11.87 -4.86 7.98
N LEU A 208 -11.51 -3.71 7.39
CA LEU A 208 -10.63 -2.72 8.04
C LEU A 208 -11.32 -1.96 9.18
N ARG A 209 -12.64 -1.88 9.19
CA ARG A 209 -13.42 -1.19 10.23
C ARG A 209 -13.78 -2.14 11.41
N GLN A 210 -13.41 -3.45 11.34
CA GLN A 210 -13.67 -4.41 12.43
C GLN A 210 -12.79 -4.09 13.64
N LEU A 211 -13.37 -4.07 14.86
CA LEU A 211 -12.66 -3.71 16.10
C LEU A 211 -11.77 -4.84 16.58
N ASP A 212 -12.19 -6.08 16.32
CA ASP A 212 -11.46 -7.29 16.68
C ASP A 212 -10.45 -7.64 15.55
N PRO A 213 -9.10 -7.52 15.76
CA PRO A 213 -8.15 -7.91 14.71
C PRO A 213 -8.08 -9.43 14.43
N ASN A 214 -8.73 -10.25 15.27
CA ASN A 214 -8.80 -11.69 15.03
C ASN A 214 -9.78 -11.96 13.85
N ILE A 215 -10.69 -11.01 13.57
CA ILE A 215 -11.65 -11.09 12.44
C ILE A 215 -10.96 -10.58 11.20
N THR A 216 -10.26 -9.41 11.27
CA THR A 216 -9.49 -8.81 10.15
C THR A 216 -8.38 -9.75 9.64
N SER A 217 -7.76 -10.54 10.53
CA SER A 217 -6.72 -11.51 10.17
C SER A 217 -7.25 -12.62 9.25
N LYS A 218 -8.51 -13.00 9.42
CA LYS A 218 -9.19 -14.02 8.61
C LYS A 218 -9.69 -13.49 7.25
N ARG A 219 -9.63 -12.15 7.00
CA ARG A 219 -10.07 -11.52 5.75
C ARG A 219 -8.86 -11.41 4.83
N PRO A 220 -8.93 -11.85 3.55
CA PRO A 220 -7.74 -11.80 2.68
C PRO A 220 -7.40 -10.41 2.13
N LEU A 221 -7.00 -9.47 3.02
CA LEU A 221 -6.64 -8.09 2.65
C LEU A 221 -5.22 -8.04 2.12
N VAL A 222 -4.95 -7.08 1.19
CA VAL A 222 -3.66 -6.91 0.50
C VAL A 222 -3.31 -5.42 0.33
N LEU A 223 -2.06 -4.99 0.68
CA LEU A 223 -1.57 -3.62 0.47
C LEU A 223 -0.75 -3.51 -0.82
N ASN A 224 -0.96 -2.43 -1.58
CA ASN A 224 -0.14 -2.04 -2.72
C ASN A 224 0.20 -0.56 -2.46
N ALA A 225 1.49 -0.22 -2.23
CA ALA A 225 1.91 1.16 -1.94
C ALA A 225 1.91 2.02 -3.21
N TYR A 226 1.32 3.24 -3.14
CA TYR A 226 1.25 4.19 -4.25
C TYR A 226 2.12 5.45 -4.02
N GLY A 227 2.52 5.71 -2.77
CA GLY A 227 3.35 6.87 -2.45
C GLY A 227 3.90 6.88 -1.04
N ILE A 228 4.67 7.95 -0.74
CA ILE A 228 5.33 8.22 0.54
C ILE A 228 4.74 9.53 1.13
N GLY A 229 4.67 9.62 2.46
CA GLY A 229 4.27 10.80 3.19
C GLY A 229 5.51 11.39 3.85
N ILE A 230 5.59 11.27 5.20
CA ILE A 230 6.77 11.68 5.99
C ILE A 230 7.98 10.90 5.46
N ALA A 231 9.13 11.56 5.32
CA ALA A 231 10.38 10.92 4.89
C ALA A 231 11.58 11.65 5.54
N GLU A 232 11.94 11.18 6.75
CA GLU A 232 13.01 11.71 7.57
C GLU A 232 14.12 10.70 7.68
N GLY A 233 15.37 11.18 7.64
CA GLY A 233 16.54 10.33 7.71
C GLY A 233 16.80 9.56 6.43
N VAL A 234 16.39 10.15 5.26
CA VAL A 234 16.57 9.55 3.94
C VAL A 234 16.45 10.59 2.80
N ASP A 235 17.26 10.38 1.73
CA ASP A 235 17.24 11.19 0.52
C ASP A 235 16.50 10.36 -0.54
N LEU A 236 15.21 10.67 -0.74
CA LEU A 236 14.37 9.90 -1.67
C LEU A 236 14.69 10.20 -3.13
N PRO A 237 14.53 9.19 -4.01
CA PRO A 237 14.84 9.41 -5.44
C PRO A 237 14.09 10.57 -6.10
N THR A 238 14.70 11.08 -7.18
CA THR A 238 14.19 12.23 -7.92
C THR A 238 12.97 11.94 -8.82
N THR A 239 12.56 10.66 -9.00
CA THR A 239 11.39 10.31 -9.81
C THR A 239 10.43 9.45 -9.00
N HIS A 240 9.15 9.37 -9.42
CA HIS A 240 8.13 8.58 -8.74
C HIS A 240 8.38 7.06 -8.86
N TYR A 241 8.72 6.58 -10.06
CA TYR A 241 8.97 5.15 -10.28
C TYR A 241 10.16 4.67 -9.46
N ALA A 242 11.23 5.47 -9.36
CA ALA A 242 12.39 5.11 -8.55
C ALA A 242 12.05 5.08 -7.07
N ARG A 243 11.10 5.89 -6.60
CA ARG A 243 10.69 5.85 -5.20
C ARG A 243 9.91 4.57 -4.93
N LEU A 244 9.06 4.16 -5.90
CA LEU A 244 8.30 2.91 -5.79
C LEU A 244 9.24 1.70 -5.85
N GLN A 245 10.25 1.74 -6.72
CA GLN A 245 11.24 0.67 -6.80
C GLN A 245 12.00 0.60 -5.48
N TRP A 246 12.25 1.78 -4.87
CA TRP A 246 12.95 1.91 -3.59
C TRP A 246 12.11 1.31 -2.45
N LEU A 247 10.80 1.58 -2.41
CA LEU A 247 9.89 0.98 -1.41
C LEU A 247 9.97 -0.56 -1.50
N LYS A 248 9.86 -1.12 -2.71
CA LYS A 248 9.96 -2.55 -2.96
C LYS A 248 11.27 -3.13 -2.44
N SER A 249 12.40 -2.42 -2.64
CA SER A 249 13.71 -2.92 -2.21
C SER A 249 13.90 -2.99 -0.68
N ILE A 250 13.15 -2.18 0.07
CA ILE A 250 13.16 -2.21 1.54
C ILE A 250 11.98 -3.04 2.17
N GLY A 251 11.22 -3.81 1.39
CA GLY A 251 10.18 -4.70 1.89
C GLY A 251 8.70 -4.36 1.65
N ILE A 252 8.40 -3.26 0.95
CA ILE A 252 7.02 -2.80 0.75
C ILE A 252 6.39 -3.28 -0.56
N PRO A 253 5.16 -3.82 -0.51
CA PRO A 253 4.52 -4.29 -1.74
C PRO A 253 3.99 -3.15 -2.63
N VAL A 254 4.31 -3.19 -3.96
CA VAL A 254 3.83 -2.21 -4.95
C VAL A 254 3.18 -3.01 -6.08
N ASN A 255 2.40 -2.35 -6.95
CA ASN A 255 1.75 -3.04 -8.06
C ASN A 255 2.77 -3.46 -9.12
N PRO A 256 2.71 -4.70 -9.66
CA PRO A 256 3.66 -5.10 -10.70
C PRO A 256 3.36 -4.61 -12.11
N GLU A 257 2.13 -4.11 -12.35
CA GLU A 257 1.68 -3.65 -13.66
C GLU A 257 2.03 -2.19 -13.95
N ILE A 258 2.79 -1.52 -13.05
CA ILE A 258 3.20 -0.12 -13.23
C ILE A 258 4.30 -0.01 -14.29
N ARG A 259 4.11 0.84 -15.28
CA ARG A 259 5.08 1.03 -16.36
C ARG A 259 5.26 2.55 -16.60
N LEU A 260 6.45 2.96 -17.11
CA LEU A 260 6.68 4.33 -17.52
C LEU A 260 6.16 4.52 -18.97
N CYS A 261 5.77 5.77 -19.33
CA CYS A 261 5.31 6.13 -20.69
C CYS A 261 5.77 7.55 -21.02
N ASN A 262 6.16 7.79 -22.29
CA ASN A 262 6.64 9.09 -22.78
C ASN A 262 5.63 9.75 -23.74
N GLY A 263 4.84 10.68 -23.21
CA GLY A 263 3.87 11.41 -23.99
C GLY A 263 2.51 10.74 -24.00
N ALA A 264 1.46 11.56 -24.16
CA ALA A 264 0.07 11.12 -24.15
C ALA A 264 -0.28 9.96 -25.08
N ASP A 265 0.37 9.85 -26.25
CA ASP A 265 0.05 8.74 -27.18
C ASP A 265 0.46 7.39 -26.59
N GLU A 266 1.63 7.31 -25.90
CA GLU A 266 2.12 6.09 -25.23
C GLU A 266 1.28 5.82 -23.97
N VAL A 267 0.95 6.88 -23.22
CA VAL A 267 0.14 6.80 -21.99
C VAL A 267 -1.28 6.25 -22.28
N LEU A 268 -1.80 6.51 -23.49
CA LEU A 268 -3.13 6.02 -23.89
C LEU A 268 -3.08 4.55 -24.35
N GLY A 269 -1.88 4.05 -24.68
CA GLY A 269 -1.63 2.64 -24.99
C GLY A 269 -1.79 1.83 -23.72
N PHE A 270 -1.12 2.29 -22.65
CA PHE A 270 -1.20 1.74 -21.28
C PHE A 270 -2.65 1.73 -20.77
N TYR A 271 -3.42 2.81 -21.01
CA TYR A 271 -4.82 2.85 -20.54
C TYR A 271 -5.65 1.73 -21.19
N ARG A 272 -5.47 1.49 -22.51
CA ARG A 272 -6.20 0.43 -23.22
C ARG A 272 -5.61 -0.98 -23.03
N ASP A 273 -4.30 -1.12 -22.77
CA ASP A 273 -3.70 -2.44 -22.48
C ASP A 273 -4.25 -2.90 -21.13
N ILE A 274 -4.25 -2.01 -20.13
CA ILE A 274 -4.77 -2.30 -18.79
C ILE A 274 -6.30 -2.53 -18.83
N GLN A 275 -6.99 -1.90 -19.80
CA GLN A 275 -8.44 -2.05 -19.99
C GLN A 275 -8.80 -3.48 -20.49
N ASN A 276 -7.96 -4.08 -21.36
CA ASN A 276 -8.16 -5.46 -21.87
C ASN A 276 -7.85 -6.46 -20.75
N LYS A 277 -6.73 -6.21 -20.03
CA LYS A 277 -6.25 -7.01 -18.89
C LYS A 277 -7.25 -7.00 -17.68
N ARG A 278 -8.07 -5.91 -17.53
CA ARG A 278 -9.07 -5.74 -16.45
C ARG A 278 -9.87 -7.00 -16.14
N SER A 279 -10.34 -7.67 -17.21
CA SER A 279 -11.20 -8.87 -17.20
C SER A 279 -10.48 -10.16 -16.70
N SER A 280 -9.14 -10.10 -16.47
CA SER A 280 -8.36 -11.25 -16.02
C SER A 280 -7.16 -10.83 -15.14
N LEU A 281 -7.37 -9.87 -14.21
CA LEU A 281 -6.31 -9.37 -13.33
C LEU A 281 -6.26 -10.06 -11.96
N GLY A 282 -7.42 -10.41 -11.41
CA GLY A 282 -7.50 -11.07 -10.11
C GLY A 282 -7.99 -10.17 -8.98
N TYR A 283 -8.07 -8.85 -9.25
CA TYR A 283 -8.56 -7.84 -8.31
C TYR A 283 -9.26 -6.76 -9.11
N ASP A 284 -10.05 -5.92 -8.44
CA ASP A 284 -10.78 -4.83 -9.10
C ASP A 284 -9.94 -3.57 -9.27
N ILE A 285 -10.11 -2.93 -10.44
CA ILE A 285 -9.50 -1.65 -10.81
C ILE A 285 -10.60 -0.86 -11.50
N ASP A 286 -10.67 0.50 -11.31
CA ASP A 286 -11.71 1.29 -11.99
C ASP A 286 -11.09 2.30 -12.97
N GLY A 287 -9.87 2.04 -13.41
CA GLY A 287 -9.17 2.90 -14.37
C GLY A 287 -7.69 2.84 -14.16
N THR A 288 -7.01 3.92 -14.53
CA THR A 288 -5.57 4.08 -14.35
C THR A 288 -5.26 5.43 -13.74
N VAL A 289 -4.23 5.49 -12.90
CA VAL A 289 -3.73 6.71 -12.32
C VAL A 289 -2.46 7.00 -13.12
N LEU A 290 -2.43 8.14 -13.82
CA LEU A 290 -1.35 8.58 -14.70
C LEU A 290 -0.68 9.74 -14.00
N LYS A 291 0.62 9.65 -13.69
CA LYS A 291 1.33 10.65 -12.87
C LYS A 291 2.58 11.21 -13.56
N ILE A 292 2.97 12.45 -13.25
CA ILE A 292 4.19 13.05 -13.81
C ILE A 292 5.32 12.40 -13.04
N ASN A 293 6.18 11.69 -13.76
CA ASN A 293 7.26 10.91 -13.17
C ASN A 293 8.34 11.73 -12.44
N ASP A 294 8.69 12.94 -12.93
CA ASP A 294 9.71 13.76 -12.27
C ASP A 294 9.16 14.48 -11.05
N ILE A 295 9.84 14.38 -9.89
CA ILE A 295 9.43 15.03 -8.63
C ILE A 295 9.69 16.57 -8.67
N ALA A 296 10.60 17.04 -9.54
CA ALA A 296 10.86 18.47 -9.70
C ALA A 296 9.64 19.13 -10.34
N LEU A 297 9.12 18.50 -11.41
CA LEU A 297 7.94 18.98 -12.14
C LEU A 297 6.65 18.85 -11.32
N GLN A 298 6.61 17.97 -10.31
CA GLN A 298 5.45 17.80 -9.44
C GLN A 298 5.36 18.99 -8.53
N ASN A 299 6.45 19.29 -7.83
CA ASN A 299 6.55 20.44 -6.94
C ASN A 299 6.33 21.75 -7.73
N GLU A 300 6.77 21.79 -9.01
CA GLU A 300 6.59 22.94 -9.90
C GLU A 300 5.09 23.11 -10.23
N LEU A 301 4.40 22.02 -10.68
CA LEU A 301 2.97 22.07 -11.04
C LEU A 301 2.08 22.24 -9.82
N GLY A 302 2.44 21.58 -8.73
CA GLY A 302 1.75 21.73 -7.46
C GLY A 302 0.40 21.05 -7.37
N PHE A 303 -0.41 21.51 -6.42
CA PHE A 303 -1.71 20.93 -6.13
C PHE A 303 -2.84 21.97 -6.03
N ILE A 304 -4.07 21.53 -6.34
CA ILE A 304 -5.29 22.33 -6.28
C ILE A 304 -5.93 22.03 -4.93
N SER A 305 -6.63 22.99 -4.33
CA SER A 305 -7.36 22.74 -3.08
C SER A 305 -8.80 22.35 -3.43
N LYS A 306 -9.71 22.27 -2.42
CA LYS A 306 -11.12 21.94 -2.65
C LYS A 306 -11.69 23.10 -3.48
N ALA A 307 -11.92 22.87 -4.80
CA ALA A 307 -12.34 23.92 -5.73
C ALA A 307 -13.27 23.42 -6.84
N PRO A 308 -14.04 24.31 -7.53
CA PRO A 308 -14.90 23.84 -8.61
C PRO A 308 -14.16 23.42 -9.87
N ARG A 309 -14.86 22.70 -10.74
CA ARG A 309 -14.35 22.27 -12.05
C ARG A 309 -14.93 23.21 -13.14
N TRP A 310 -15.80 24.15 -12.73
CA TRP A 310 -16.52 25.09 -13.60
C TRP A 310 -16.08 26.57 -13.40
N ALA A 311 -15.01 26.81 -12.60
CA ALA A 311 -14.48 28.14 -12.30
C ALA A 311 -12.95 28.15 -12.32
N ILE A 312 -12.36 29.16 -13.03
CA ILE A 312 -10.91 29.36 -13.17
C ILE A 312 -10.51 30.83 -12.96
N ALA A 313 -9.51 31.06 -12.12
CA ALA A 313 -8.98 32.40 -11.89
C ALA A 313 -7.87 32.67 -12.87
N TYR A 314 -8.16 33.27 -14.04
CA TYR A 314 -7.09 33.58 -14.98
C TYR A 314 -6.36 34.76 -14.32
N LYS A 315 -5.24 34.45 -13.63
CA LYS A 315 -4.42 35.42 -12.88
C LYS A 315 -3.58 36.28 -13.82
N PHE A 316 -3.28 37.54 -13.42
CA PHE A 316 -2.47 38.46 -14.22
C PHE A 316 -0.99 38.14 -14.04
N PRO A 317 -0.14 38.39 -15.07
CA PRO A 317 1.30 38.08 -14.95
C PRO A 317 2.02 38.75 -13.77
O D41 B . -4.45 2.49 -6.97
C13 D41 B . -5.04 3.50 -6.56
N2 D41 B . -6.33 3.47 -6.23
C12 D41 B . -4.30 4.80 -6.43
C11 D41 B . -4.72 5.75 -5.55
C14 D41 B . -3.04 5.09 -7.20
N3 D41 B . -2.59 4.17 -8.07
N4 D41 B . -2.39 6.23 -7.10
C15 D41 B . -2.86 7.18 -6.23
N5 D41 B . -2.11 8.32 -6.17
C4 D41 B . -2.57 9.25 -5.34
C1 D41 B . -1.71 10.55 -5.30
C3 D41 B . -2.23 11.57 -4.27
C2 D41 B . -1.68 11.22 -6.68
C D41 B . -0.27 10.21 -4.91
C10 D41 B . -4.02 6.99 -5.44
C5 D41 B . -4.38 8.08 -4.59
N D41 B . -3.64 9.20 -4.53
C6 D41 B . -5.52 8.14 -3.66
N1 D41 B . -5.65 9.28 -2.91
C9 D41 B . -6.72 9.17 -2.08
C8 D41 B . -7.32 7.96 -2.31
C7 D41 B . -6.55 7.29 -3.27
C1 IWH C . 0.40 -23.17 5.58
N1 IWH C . 3.19 -18.09 2.49
O1 IWH C . 2.31 -16.45 3.81
C2 IWH C . 0.74 -21.96 4.74
N2 IWH C . 6.39 -19.97 0.60
O2 IWH C . 7.84 -18.71 1.74
C3 IWH C . 1.82 -21.14 5.07
C4 IWH C . 2.14 -20.06 4.29
C5 IWH C . 1.41 -19.74 3.16
C6 IWH C . 0.29 -20.52 2.83
C7 IWH C . -0.01 -21.62 3.63
C8 IWH C . -0.60 -20.21 1.65
C9 IWH C . 1.84 -18.62 2.23
C10 IWH C . 4.29 -18.72 1.95
C11 IWH C . 5.56 -18.29 2.17
C12 IWH C . 5.72 -17.13 3.00
C13 IWH C . 4.66 -16.51 3.53
C14 IWH C . 3.31 -16.97 3.31
C15 IWH C . 6.66 -19.01 1.48
#